data_1XKO
#
_entry.id   1XKO
#
_cell.length_a   52.21
_cell.length_b   67.90
_cell.length_c   78.78
_cell.angle_alpha   90.00
_cell.angle_beta   90.00
_cell.angle_gamma   90.00
#
_symmetry.space_group_name_H-M   'P 21 21 21'
#
loop_
_entity.id
_entity.type
_entity.pdbx_description
1 polymer 'CHEMOTAXIS protein cheX'
2 water water
#
_entity_poly.entity_id   1
_entity_poly.type   'polypeptide(L)'
_entity_poly.pdbx_seq_one_letter_code
;GSHMMDARIVNALIGSVYETIRDVLGIEPKTGKPSTVSHIEIPHSLVTVIGITGGIEGSLIYSFSSETALKVVSAMMGGM
EYNQLDELALSAIGELGNMTAGKLAMKLEHLGKHVDITPPTVVSGRDLKIKSFGVILKLPISVFSEEDFDLHLSVKSGG
;
_entity_poly.pdbx_strand_id   A,B
#
# COMPACT_ATOMS: atom_id res chain seq x y z
N MET A 4 -16.21 0.70 -11.40
CA MET A 4 -15.42 1.18 -12.60
C MET A 4 -16.23 2.35 -13.19
N MET A 5 -15.62 3.09 -14.12
CA MET A 5 -16.31 4.22 -14.77
C MET A 5 -15.56 4.57 -16.08
N ASP A 6 -15.40 5.87 -16.34
CA ASP A 6 -14.69 6.39 -17.55
C ASP A 6 -13.75 5.32 -18.09
N ALA A 7 -14.20 4.64 -19.13
CA ALA A 7 -13.48 3.56 -19.76
C ALA A 7 -12.07 3.93 -20.18
N ARG A 8 -11.84 5.18 -20.54
CA ARG A 8 -10.51 5.65 -20.93
C ARG A 8 -9.55 5.64 -19.69
N ILE A 9 -10.11 5.68 -18.49
CA ILE A 9 -9.32 5.62 -17.25
C ILE A 9 -8.77 4.21 -17.19
N VAL A 10 -9.69 3.26 -17.29
CA VAL A 10 -9.43 1.84 -17.25
C VAL A 10 -8.37 1.38 -18.24
N ASN A 11 -8.55 1.79 -19.50
CA ASN A 11 -7.65 1.42 -20.58
C ASN A 11 -6.17 1.78 -20.34
N ALA A 12 -5.91 2.93 -19.74
CA ALA A 12 -4.53 3.35 -19.46
C ALA A 12 -4.01 2.66 -18.19
N LEU A 13 -4.95 2.29 -17.33
CA LEU A 13 -4.66 1.61 -16.07
C LEU A 13 -4.24 0.17 -16.35
N ILE A 14 -5.01 -0.52 -17.18
CA ILE A 14 -4.74 -1.90 -17.56
C ILE A 14 -3.59 -1.89 -18.55
N GLY A 15 -3.54 -0.85 -19.38
CA GLY A 15 -2.50 -0.72 -20.37
C GLY A 15 -1.13 -0.49 -19.79
N SER A 16 -1.07 0.09 -18.59
CA SER A 16 0.22 0.34 -17.95
C SER A 16 0.81 -0.99 -17.48
N VAL A 17 -0.02 -1.84 -16.87
CA VAL A 17 0.43 -3.15 -16.39
C VAL A 17 0.84 -4.05 -17.57
N TYR A 18 0.00 -4.06 -18.61
CA TYR A 18 0.25 -4.84 -19.80
C TYR A 18 1.59 -4.46 -20.43
N GLU A 19 1.75 -3.17 -20.70
CA GLU A 19 2.96 -2.64 -21.30
C GLU A 19 4.20 -2.81 -20.44
N THR A 20 4.04 -2.76 -19.12
CA THR A 20 5.21 -2.95 -18.26
C THR A 20 5.66 -4.39 -18.36
N ILE A 21 4.71 -5.32 -18.29
CA ILE A 21 5.00 -6.76 -18.39
C ILE A 21 5.68 -7.07 -19.72
N ARG A 22 5.25 -6.38 -20.78
CA ARG A 22 5.81 -6.59 -22.11
C ARG A 22 7.25 -6.06 -22.25
N ASP A 23 7.51 -4.87 -21.71
CA ASP A 23 8.84 -4.28 -21.78
C ASP A 23 9.83 -4.86 -20.77
N VAL A 24 9.36 -5.10 -19.55
CA VAL A 24 10.18 -5.63 -18.46
C VAL A 24 10.38 -7.14 -18.42
N LEU A 25 9.28 -7.90 -18.41
CA LEU A 25 9.36 -9.35 -18.37
C LEU A 25 9.66 -9.92 -19.75
N GLY A 26 9.56 -9.06 -20.77
CA GLY A 26 9.85 -9.46 -22.13
C GLY A 26 8.93 -10.45 -22.82
N ILE A 27 7.70 -10.62 -22.32
CA ILE A 27 6.77 -11.53 -22.99
C ILE A 27 5.39 -10.93 -23.17
N GLU A 28 4.60 -11.54 -24.03
CA GLU A 28 3.26 -11.06 -24.33
C GLU A 28 2.17 -11.70 -23.47
N PRO A 29 1.57 -10.91 -22.56
CA PRO A 29 0.51 -11.41 -21.68
C PRO A 29 -0.86 -11.44 -22.36
N LYS A 30 -1.73 -12.32 -21.86
CA LYS A 30 -3.08 -12.46 -22.39
C LYS A 30 -4.02 -11.89 -21.34
N THR A 31 -4.30 -10.59 -21.43
CA THR A 31 -5.19 -9.96 -20.46
C THR A 31 -6.60 -10.50 -20.64
N GLY A 32 -6.95 -11.45 -19.78
CA GLY A 32 -8.25 -12.08 -19.82
C GLY A 32 -9.44 -11.15 -19.71
N LYS A 33 -10.62 -11.74 -19.61
CA LYS A 33 -11.88 -10.99 -19.53
C LYS A 33 -12.11 -10.30 -18.18
N PRO A 34 -12.33 -8.98 -18.19
CA PRO A 34 -12.59 -8.16 -17.02
C PRO A 34 -13.75 -8.73 -16.20
N SER A 35 -13.89 -8.25 -14.97
CA SER A 35 -14.95 -8.72 -14.08
C SER A 35 -15.07 -7.81 -12.86
N THR A 36 -16.28 -7.61 -12.39
CA THR A 36 -16.52 -6.78 -11.21
C THR A 36 -16.74 -7.69 -10.01
N VAL A 37 -15.70 -7.83 -9.18
CA VAL A 37 -15.78 -8.67 -8.00
C VAL A 37 -16.16 -7.90 -6.74
N SER A 38 -16.71 -8.61 -5.76
CA SER A 38 -17.14 -8.02 -4.50
C SER A 38 -15.97 -7.69 -3.57
N HIS A 39 -14.89 -8.47 -3.67
CA HIS A 39 -13.69 -8.29 -2.87
C HIS A 39 -12.46 -8.83 -3.60
N ILE A 40 -11.47 -9.33 -2.86
CA ILE A 40 -10.27 -9.87 -3.48
C ILE A 40 -9.87 -11.21 -2.87
N GLU A 41 -9.90 -12.26 -3.69
CA GLU A 41 -9.53 -13.61 -3.25
C GLU A 41 -8.12 -13.92 -3.73
N ILE A 42 -7.16 -13.41 -2.96
CA ILE A 42 -5.74 -13.58 -3.28
C ILE A 42 -5.10 -14.86 -2.81
N PRO A 43 -4.67 -15.70 -3.77
CA PRO A 43 -4.02 -16.98 -3.52
C PRO A 43 -2.54 -16.70 -3.78
N HIS A 44 -2.10 -15.49 -3.46
CA HIS A 44 -0.73 -15.07 -3.74
C HIS A 44 0.17 -14.61 -2.60
N SER A 45 1.46 -14.53 -2.90
CA SER A 45 2.47 -14.15 -1.94
C SER A 45 3.10 -12.77 -2.17
N LEU A 46 2.85 -12.19 -3.32
CA LEU A 46 3.41 -10.89 -3.63
C LEU A 46 2.36 -9.94 -4.17
N VAL A 47 2.22 -8.77 -3.54
CA VAL A 47 1.26 -7.79 -4.01
C VAL A 47 1.95 -6.42 -4.19
N THR A 48 1.58 -5.71 -5.25
CA THR A 48 2.15 -4.39 -5.54
C THR A 48 1.00 -3.40 -5.56
N VAL A 49 1.07 -2.39 -4.69
CA VAL A 49 0.04 -1.37 -4.63
C VAL A 49 0.53 -0.03 -5.15
N ILE A 50 -0.25 0.54 -6.08
CA ILE A 50 0.05 1.84 -6.65
C ILE A 50 -1.18 2.70 -6.46
N GLY A 51 -1.07 3.66 -5.54
CA GLY A 51 -2.19 4.54 -5.25
C GLY A 51 -2.38 5.61 -6.29
N ILE A 52 -3.63 6.03 -6.49
CA ILE A 52 -3.94 7.07 -7.46
C ILE A 52 -4.81 8.14 -6.81
N THR A 53 -4.46 9.41 -7.05
CA THR A 53 -5.21 10.52 -6.46
C THR A 53 -5.62 11.52 -7.53
N GLY A 54 -6.27 12.59 -7.10
CA GLY A 54 -6.71 13.60 -8.03
C GLY A 54 -8.05 13.26 -8.66
N GLY A 55 -8.07 13.16 -10.00
CA GLY A 55 -9.29 12.84 -10.73
C GLY A 55 -9.91 11.57 -10.20
N ILE A 56 -9.22 10.45 -10.43
CA ILE A 56 -9.69 9.16 -9.93
C ILE A 56 -9.01 8.89 -8.61
N GLU A 57 -9.72 8.22 -7.70
CA GLU A 57 -9.17 7.91 -6.39
C GLU A 57 -9.22 6.41 -6.15
N GLY A 58 -8.09 5.84 -5.76
CA GLY A 58 -8.05 4.41 -5.50
C GLY A 58 -6.68 3.83 -5.69
N SER A 59 -6.61 2.59 -6.14
CA SER A 59 -5.33 1.94 -6.34
C SER A 59 -5.30 0.92 -7.46
N LEU A 60 -4.12 0.76 -8.05
CA LEU A 60 -3.87 -0.22 -9.11
C LEU A 60 -3.07 -1.29 -8.37
N ILE A 61 -3.63 -2.50 -8.29
CA ILE A 61 -2.96 -3.58 -7.59
C ILE A 61 -2.82 -4.88 -8.40
N TYR A 62 -1.58 -5.36 -8.53
CA TYR A 62 -1.37 -6.62 -9.22
C TYR A 62 -0.58 -7.55 -8.29
N SER A 63 -0.91 -8.83 -8.34
CA SER A 63 -0.27 -9.80 -7.47
C SER A 63 -0.07 -11.13 -8.13
N PHE A 64 0.77 -11.96 -7.51
CA PHE A 64 1.06 -13.29 -8.04
C PHE A 64 1.71 -14.22 -7.00
N SER A 65 1.76 -15.50 -7.33
CA SER A 65 2.33 -16.51 -6.45
C SER A 65 3.86 -16.45 -6.33
N SER A 66 4.38 -17.22 -5.38
CA SER A 66 5.81 -17.30 -5.13
C SER A 66 6.54 -17.98 -6.28
N GLU A 67 5.84 -18.90 -6.95
CA GLU A 67 6.37 -19.64 -8.11
C GLU A 67 6.44 -18.71 -9.32
N THR A 68 5.39 -17.93 -9.54
CA THR A 68 5.32 -16.97 -10.64
C THR A 68 6.35 -15.88 -10.38
N ALA A 69 6.54 -15.55 -9.10
CA ALA A 69 7.47 -14.50 -8.69
C ALA A 69 8.89 -14.82 -9.12
N LEU A 70 9.31 -16.06 -8.92
CA LEU A 70 10.64 -16.50 -9.31
C LEU A 70 10.80 -16.35 -10.82
N LYS A 71 9.82 -16.86 -11.56
CA LYS A 71 9.83 -16.76 -13.01
C LYS A 71 9.96 -15.29 -13.44
N VAL A 72 9.24 -14.39 -12.76
CA VAL A 72 9.26 -12.96 -13.05
C VAL A 72 10.67 -12.43 -12.90
N VAL A 73 11.28 -12.73 -11.76
CA VAL A 73 12.64 -12.29 -11.48
C VAL A 73 13.64 -12.82 -12.51
N SER A 74 13.42 -14.05 -12.97
CA SER A 74 14.31 -14.65 -13.96
C SER A 74 14.29 -13.87 -15.26
N ALA A 75 13.10 -13.45 -15.66
CA ALA A 75 12.94 -12.67 -16.88
C ALA A 75 13.74 -11.35 -16.79
N MET A 76 13.57 -10.61 -15.71
CA MET A 76 14.25 -9.33 -15.52
C MET A 76 15.77 -9.46 -15.38
N MET A 77 16.22 -10.57 -14.77
CA MET A 77 17.65 -10.77 -14.55
C MET A 77 18.42 -11.38 -15.72
N GLY A 78 18.21 -10.83 -16.91
CA GLY A 78 18.89 -11.32 -18.10
C GLY A 78 18.45 -12.68 -18.58
N GLY A 79 17.28 -13.14 -18.11
CA GLY A 79 16.80 -14.44 -18.52
C GLY A 79 17.53 -15.56 -17.82
N MET A 80 18.23 -15.23 -16.73
CA MET A 80 18.99 -16.20 -15.96
C MET A 80 18.08 -17.16 -15.20
N GLU A 81 18.59 -17.73 -14.11
CA GLU A 81 17.81 -18.67 -13.31
C GLU A 81 17.71 -18.19 -11.86
N TYR A 82 16.51 -18.25 -11.31
CA TYR A 82 16.29 -17.82 -9.93
C TYR A 82 15.46 -18.83 -9.14
N ASN A 83 16.04 -19.35 -8.07
CA ASN A 83 15.38 -20.37 -7.24
C ASN A 83 14.86 -19.97 -5.85
N GLN A 84 15.24 -18.79 -5.35
CA GLN A 84 14.78 -18.33 -4.05
C GLN A 84 14.24 -16.90 -4.11
N LEU A 85 13.35 -16.57 -3.18
CA LEU A 85 12.75 -15.24 -3.13
C LEU A 85 13.53 -14.34 -2.18
N ASP A 86 14.82 -14.20 -2.44
CA ASP A 86 15.72 -13.38 -1.62
C ASP A 86 15.46 -11.87 -1.81
N GLU A 87 16.34 -11.05 -1.27
CA GLU A 87 16.18 -9.60 -1.39
C GLU A 87 16.27 -9.14 -2.84
N LEU A 88 17.20 -9.70 -3.60
CA LEU A 88 17.36 -9.31 -5.01
C LEU A 88 16.07 -9.55 -5.77
N ALA A 89 15.34 -10.59 -5.38
CA ALA A 89 14.07 -10.90 -6.02
C ALA A 89 13.04 -9.81 -5.65
N LEU A 90 12.98 -9.46 -4.36
CA LEU A 90 12.05 -8.42 -3.91
C LEU A 90 12.38 -7.03 -4.44
N SER A 91 13.66 -6.76 -4.65
CA SER A 91 14.09 -5.50 -5.20
C SER A 91 13.70 -5.41 -6.68
N ALA A 92 13.73 -6.56 -7.35
CA ALA A 92 13.36 -6.65 -8.76
C ALA A 92 11.85 -6.44 -8.92
N ILE A 93 11.08 -7.05 -8.02
CA ILE A 93 9.63 -6.92 -8.04
C ILE A 93 9.27 -5.49 -7.66
N GLY A 94 10.12 -4.89 -6.83
CA GLY A 94 9.93 -3.51 -6.40
C GLY A 94 10.18 -2.64 -7.61
N GLU A 95 11.11 -3.09 -8.45
CA GLU A 95 11.45 -2.38 -9.67
C GLU A 95 10.34 -2.53 -10.69
N LEU A 96 9.74 -3.72 -10.73
CA LEU A 96 8.63 -3.96 -11.64
C LEU A 96 7.55 -2.94 -11.27
N GLY A 97 7.43 -2.67 -9.97
CA GLY A 97 6.45 -1.74 -9.46
C GLY A 97 6.72 -0.32 -9.91
N ASN A 98 7.97 0.12 -9.83
CA ASN A 98 8.37 1.45 -10.24
C ASN A 98 8.21 1.67 -11.75
N MET A 99 8.34 0.59 -12.52
CA MET A 99 8.19 0.68 -13.97
C MET A 99 6.70 0.86 -14.26
N THR A 100 5.89 0.03 -13.62
CA THR A 100 4.45 0.07 -13.78
C THR A 100 3.96 1.44 -13.38
N ALA A 101 4.52 1.97 -12.30
CA ALA A 101 4.19 3.28 -11.82
C ALA A 101 4.68 4.30 -12.84
N GLY A 102 5.89 4.08 -13.36
CA GLY A 102 6.47 4.97 -14.34
C GLY A 102 5.58 5.05 -15.57
N LYS A 103 5.15 3.88 -16.06
CA LYS A 103 4.29 3.78 -17.24
C LYS A 103 2.91 4.38 -16.99
N LEU A 104 2.38 4.17 -15.78
CA LEU A 104 1.07 4.69 -15.41
C LEU A 104 1.07 6.23 -15.52
N ALA A 105 2.20 6.84 -15.15
CA ALA A 105 2.36 8.29 -15.20
C ALA A 105 2.54 8.78 -16.63
N MET A 106 3.50 8.20 -17.33
CA MET A 106 3.79 8.57 -18.72
C MET A 106 2.51 8.52 -19.56
N LYS A 107 1.80 7.39 -19.49
CA LYS A 107 0.57 7.17 -20.25
C LYS A 107 -0.61 8.05 -19.84
N LEU A 108 -0.54 8.63 -18.64
CA LEU A 108 -1.61 9.48 -18.12
C LEU A 108 -1.27 10.97 -18.09
N GLU A 109 -1.10 11.57 -19.27
CA GLU A 109 -0.77 12.99 -19.38
C GLU A 109 -1.93 13.81 -19.94
N HIS A 110 -2.95 13.12 -20.46
CA HIS A 110 -4.13 13.75 -21.03
C HIS A 110 -5.41 13.22 -20.37
N HIS A 114 -5.93 14.86 -15.16
CA HIS A 114 -5.29 15.54 -13.98
C HIS A 114 -5.27 14.61 -12.76
N VAL A 115 -4.34 13.65 -12.76
CA VAL A 115 -4.20 12.67 -11.67
C VAL A 115 -2.75 12.51 -11.23
N ASP A 116 -2.54 12.04 -10.00
CA ASP A 116 -1.19 11.84 -9.47
C ASP A 116 -0.93 10.39 -9.06
N ILE A 117 0.28 9.92 -9.34
CA ILE A 117 0.64 8.54 -9.01
C ILE A 117 1.48 8.49 -7.74
N THR A 118 1.20 7.50 -6.90
CA THR A 118 1.88 7.28 -5.62
C THR A 118 3.07 6.33 -5.78
N PRO A 119 4.13 6.48 -4.95
CA PRO A 119 5.24 5.53 -5.13
C PRO A 119 4.67 4.16 -4.80
N PRO A 120 5.08 3.12 -5.54
CA PRO A 120 4.55 1.80 -5.25
C PRO A 120 4.98 1.22 -3.90
N THR A 121 4.21 0.26 -3.43
CA THR A 121 4.53 -0.42 -2.20
C THR A 121 4.45 -1.89 -2.56
N VAL A 122 5.46 -2.65 -2.18
CA VAL A 122 5.45 -4.08 -2.44
C VAL A 122 5.34 -4.77 -1.10
N VAL A 123 4.32 -5.60 -0.98
CA VAL A 123 4.09 -6.37 0.21
C VAL A 123 4.27 -7.82 -0.19
N SER A 124 4.93 -8.60 0.66
CA SER A 124 5.17 -10.02 0.39
C SER A 124 4.99 -10.81 1.65
N GLY A 125 4.59 -12.07 1.49
CA GLY A 125 4.38 -12.94 2.63
C GLY A 125 3.55 -14.14 2.27
N ARG A 126 2.94 -14.77 3.26
CA ARG A 126 2.11 -15.95 3.07
C ARG A 126 0.65 -15.67 3.37
N ASP A 127 -0.23 -16.27 2.57
CA ASP A 127 -1.68 -16.14 2.72
C ASP A 127 -2.15 -14.69 2.82
N LEU A 128 -1.66 -13.87 1.90
CA LEU A 128 -2.01 -12.46 1.88
C LEU A 128 -3.47 -12.20 1.57
N LYS A 129 -4.21 -11.72 2.56
CA LYS A 129 -5.61 -11.39 2.37
C LYS A 129 -5.61 -9.87 2.28
N ILE A 130 -6.16 -9.36 1.19
CA ILE A 130 -6.19 -7.92 0.93
C ILE A 130 -7.56 -7.24 0.98
N LYS A 131 -7.61 -6.12 1.69
CA LYS A 131 -8.81 -5.31 1.87
C LYS A 131 -8.59 -4.02 1.08
N SER A 132 -9.49 -3.76 0.15
CA SER A 132 -9.43 -2.58 -0.71
C SER A 132 -10.71 -1.76 -0.51
N PHE A 133 -10.59 -0.44 -0.64
CA PHE A 133 -11.72 0.44 -0.46
C PHE A 133 -12.27 0.99 -1.78
N GLY A 134 -13.45 0.50 -2.16
CA GLY A 134 -14.10 0.94 -3.39
C GLY A 134 -14.38 -0.18 -4.38
N VAL A 135 -15.31 0.05 -5.31
CA VAL A 135 -15.69 -0.94 -6.32
C VAL A 135 -14.45 -1.52 -7.02
N ILE A 136 -14.32 -2.85 -6.99
CA ILE A 136 -13.16 -3.48 -7.58
C ILE A 136 -13.39 -4.15 -8.93
N LEU A 137 -12.45 -3.92 -9.83
CA LEU A 137 -12.48 -4.52 -11.15
C LEU A 137 -11.33 -5.53 -11.23
N LYS A 138 -11.67 -6.81 -11.26
CA LYS A 138 -10.67 -7.86 -11.34
C LYS A 138 -10.34 -8.12 -12.79
N LEU A 139 -9.08 -8.46 -13.07
CA LEU A 139 -8.66 -8.73 -14.42
C LEU A 139 -7.52 -9.73 -14.42
N PRO A 140 -7.83 -11.01 -14.72
CA PRO A 140 -6.80 -12.05 -14.75
C PRO A 140 -5.84 -11.81 -15.93
N ILE A 141 -4.58 -12.18 -15.77
CA ILE A 141 -3.61 -12.00 -16.83
C ILE A 141 -2.68 -13.21 -16.91
N SER A 142 -2.50 -13.72 -18.13
CA SER A 142 -1.63 -14.87 -18.35
C SER A 142 -0.30 -14.39 -18.90
N VAL A 143 0.76 -14.70 -18.15
CA VAL A 143 2.09 -14.28 -18.55
C VAL A 143 2.95 -15.52 -18.76
N PHE A 144 3.12 -16.30 -17.70
CA PHE A 144 3.92 -17.51 -17.76
C PHE A 144 3.01 -18.74 -17.73
N SER A 145 1.92 -18.64 -16.98
CA SER A 145 0.95 -19.73 -16.84
C SER A 145 -0.44 -19.17 -17.04
N GLU A 146 -1.45 -20.03 -16.95
CA GLU A 146 -2.83 -19.60 -17.10
C GLU A 146 -3.29 -18.79 -15.88
N GLU A 147 -3.49 -17.49 -16.09
CA GLU A 147 -3.93 -16.58 -15.06
C GLU A 147 -3.09 -16.65 -13.78
N ASP A 148 -1.80 -16.37 -13.92
CA ASP A 148 -0.88 -16.38 -12.79
C ASP A 148 -0.74 -14.97 -12.24
N PHE A 149 -1.30 -14.02 -12.98
CA PHE A 149 -1.29 -12.61 -12.63
C PHE A 149 -2.75 -12.18 -12.44
N ASP A 150 -3.00 -11.34 -11.46
CA ASP A 150 -4.35 -10.85 -11.23
C ASP A 150 -4.30 -9.36 -10.88
N LEU A 151 -4.85 -8.56 -11.79
CA LEU A 151 -4.90 -7.11 -11.66
C LEU A 151 -6.23 -6.67 -11.07
N HIS A 152 -6.15 -5.91 -9.97
CA HIS A 152 -7.34 -5.40 -9.30
C HIS A 152 -7.38 -3.88 -9.29
N LEU A 153 -8.51 -3.33 -9.70
CA LEU A 153 -8.67 -1.89 -9.76
C LEU A 153 -9.77 -1.42 -8.86
N SER A 154 -9.40 -0.70 -7.82
CA SER A 154 -10.40 -0.17 -6.90
C SER A 154 -10.49 1.32 -7.18
N VAL A 155 -11.68 1.88 -7.05
CA VAL A 155 -11.88 3.31 -7.31
C VAL A 155 -12.73 3.98 -6.19
N LYS A 156 -13.32 5.13 -6.51
CA LYS A 156 -14.15 5.91 -5.60
C LYS A 156 -15.43 5.19 -5.11
N GLY B 1 13.38 14.11 -5.17
CA GLY B 1 14.14 13.10 -4.38
C GLY B 1 14.62 13.58 -3.02
N SER B 2 13.92 13.17 -1.97
CA SER B 2 14.28 13.54 -0.62
C SER B 2 15.40 12.67 -0.06
N HIS B 3 16.23 13.27 0.80
CA HIS B 3 17.33 12.55 1.45
C HIS B 3 17.13 12.72 2.97
N MET B 4 16.30 13.70 3.29
CA MET B 4 15.97 14.07 4.65
C MET B 4 14.46 14.28 4.70
N MET B 5 13.94 14.57 5.89
CA MET B 5 12.52 14.81 6.06
C MET B 5 12.29 15.88 7.13
N ASP B 6 11.81 17.04 6.67
CA ASP B 6 11.55 18.20 7.52
C ASP B 6 10.91 17.92 8.88
N ALA B 7 11.37 18.63 9.90
CA ALA B 7 10.85 18.47 11.26
C ALA B 7 9.37 18.84 11.35
N ARG B 8 8.96 19.88 10.62
CA ARG B 8 7.56 20.29 10.60
C ARG B 8 6.67 19.13 10.18
N ILE B 9 7.15 18.30 9.24
CA ILE B 9 6.39 17.15 8.78
C ILE B 9 6.30 16.10 9.88
N VAL B 10 7.39 15.91 10.63
CA VAL B 10 7.40 14.92 11.71
C VAL B 10 6.42 15.36 12.80
N ASN B 11 6.50 16.63 13.18
CA ASN B 11 5.66 17.20 14.21
C ASN B 11 4.18 17.22 13.80
N ALA B 12 3.93 17.32 12.50
CA ALA B 12 2.57 17.31 12.00
C ALA B 12 2.07 15.84 12.02
N LEU B 13 3.01 14.91 11.87
CA LEU B 13 2.68 13.49 11.90
C LEU B 13 2.34 13.15 13.35
N ILE B 14 3.28 13.43 14.26
CA ILE B 14 3.12 13.16 15.70
C ILE B 14 1.83 13.78 16.23
N GLY B 15 1.57 15.04 15.85
CA GLY B 15 0.36 15.71 16.28
C GLY B 15 -0.89 14.98 15.81
N SER B 16 -0.87 14.57 14.54
CA SER B 16 -1.98 13.85 13.95
C SER B 16 -2.21 12.51 14.63
N VAL B 17 -1.16 11.93 15.20
CA VAL B 17 -1.29 10.64 15.88
C VAL B 17 -2.09 10.78 17.18
N TYR B 18 -1.72 11.76 18.01
CA TYR B 18 -2.43 12.00 19.27
C TYR B 18 -3.90 12.27 19.00
N GLU B 19 -4.17 13.35 18.26
CA GLU B 19 -5.54 13.74 17.94
C GLU B 19 -6.34 12.60 17.37
N THR B 20 -5.73 11.80 16.52
CA THR B 20 -6.46 10.70 15.91
C THR B 20 -6.77 9.49 16.76
N ILE B 21 -5.76 8.83 17.34
CA ILE B 21 -6.13 7.67 18.15
C ILE B 21 -6.96 8.10 19.36
N ARG B 22 -6.82 9.35 19.78
CA ARG B 22 -7.59 9.87 20.91
C ARG B 22 -9.07 9.95 20.53
N ASP B 23 -9.38 10.70 19.47
CA ASP B 23 -10.76 10.85 19.03
C ASP B 23 -11.44 9.61 18.47
N VAL B 24 -10.68 8.74 17.83
CA VAL B 24 -11.25 7.53 17.25
C VAL B 24 -11.24 6.35 18.22
N LEU B 25 -10.24 6.25 19.08
CA LEU B 25 -10.16 5.14 20.03
C LEU B 25 -10.53 5.49 21.47
N GLY B 26 -10.53 6.78 21.80
CA GLY B 26 -10.85 7.18 23.16
C GLY B 26 -9.66 6.99 24.10
N ILE B 27 -8.48 6.85 23.52
CA ILE B 27 -7.25 6.65 24.28
C ILE B 27 -6.11 7.56 23.89
N GLU B 28 -5.54 8.25 24.86
CA GLU B 28 -4.41 9.14 24.60
C GLU B 28 -3.16 8.28 24.42
N PRO B 29 -2.61 8.24 23.19
CA PRO B 29 -1.42 7.44 22.89
C PRO B 29 -0.15 8.00 23.48
N LYS B 30 0.90 7.19 23.43
CA LYS B 30 2.22 7.57 23.94
C LYS B 30 3.23 7.32 22.81
N THR B 31 3.32 8.30 21.92
CA THR B 31 4.24 8.27 20.78
C THR B 31 5.69 7.99 21.26
N GLY B 32 6.53 7.48 20.38
CA GLY B 32 7.90 7.22 20.76
C GLY B 32 8.82 8.30 20.22
N LYS B 33 10.09 7.95 20.05
CA LYS B 33 11.10 8.85 19.51
C LYS B 33 11.23 8.52 18.03
N PRO B 34 11.02 9.51 17.14
CA PRO B 34 11.14 9.25 15.70
C PRO B 34 12.56 8.92 15.28
N SER B 35 12.67 8.07 14.28
CA SER B 35 13.97 7.64 13.76
C SER B 35 13.89 7.16 12.33
N THR B 36 14.96 7.41 11.58
CA THR B 36 15.06 6.99 10.20
C THR B 36 15.53 5.56 10.17
N VAL B 37 14.88 4.75 9.36
CA VAL B 37 15.26 3.36 9.30
C VAL B 37 15.66 3.00 7.87
N SER B 38 16.54 2.01 7.74
CA SER B 38 17.03 1.57 6.43
C SER B 38 15.91 0.96 5.56
N HIS B 39 14.92 0.36 6.22
CA HIS B 39 13.77 -0.23 5.56
C HIS B 39 12.71 -0.61 6.62
N ILE B 40 11.53 -1.04 6.18
CA ILE B 40 10.47 -1.40 7.09
C ILE B 40 10.54 -2.84 7.57
N GLU B 41 10.63 -3.02 8.89
CA GLU B 41 10.69 -4.34 9.49
C GLU B 41 9.41 -4.58 10.29
N ILE B 42 8.51 -5.35 9.71
CA ILE B 42 7.21 -5.68 10.31
C ILE B 42 7.19 -7.03 11.03
N PRO B 43 6.85 -7.02 12.34
CA PRO B 43 6.76 -8.23 13.17
C PRO B 43 5.32 -8.75 13.10
N HIS B 44 4.40 -7.81 12.89
CA HIS B 44 2.97 -8.06 12.84
C HIS B 44 2.36 -8.81 11.64
N SER B 45 1.07 -9.12 11.76
CA SER B 45 0.34 -9.83 10.72
C SER B 45 -0.65 -8.92 9.98
N LEU B 46 -0.73 -7.67 10.42
CA LEU B 46 -1.61 -6.70 9.81
C LEU B 46 -0.81 -5.48 9.38
N VAL B 47 -1.20 -4.91 8.25
CA VAL B 47 -0.52 -3.74 7.72
C VAL B 47 -1.50 -2.93 6.88
N THR B 48 -1.48 -1.62 7.06
CA THR B 48 -2.35 -0.75 6.28
C THR B 48 -1.51 0.28 5.53
N VAL B 49 -1.77 0.41 4.23
CA VAL B 49 -1.03 1.34 3.36
C VAL B 49 -1.88 2.49 2.81
N ILE B 50 -1.40 3.72 3.00
CA ILE B 50 -2.09 4.90 2.49
C ILE B 50 -1.11 5.72 1.66
N GLY B 51 -1.39 5.84 0.37
CA GLY B 51 -0.53 6.58 -0.53
C GLY B 51 -0.72 8.07 -0.40
N ILE B 52 0.36 8.82 -0.63
CA ILE B 52 0.31 10.27 -0.55
C ILE B 52 0.98 10.89 -1.79
N THR B 53 0.34 11.90 -2.37
CA THR B 53 0.90 12.55 -3.54
C THR B 53 0.92 14.08 -3.42
N GLY B 54 1.45 14.73 -4.46
CA GLY B 54 1.51 16.17 -4.48
C GLY B 54 2.62 16.81 -3.67
N GLY B 55 2.25 17.47 -2.59
CA GLY B 55 3.20 18.12 -1.71
C GLY B 55 4.30 17.17 -1.29
N ILE B 56 3.92 15.98 -0.83
CA ILE B 56 4.89 14.96 -0.46
C ILE B 56 4.54 13.72 -1.27
N GLU B 57 5.56 12.95 -1.67
CA GLU B 57 5.35 11.73 -2.44
C GLU B 57 5.83 10.57 -1.60
N GLY B 58 4.92 9.67 -1.28
CA GLY B 58 5.27 8.52 -0.48
C GLY B 58 4.02 7.90 0.10
N SER B 59 4.12 7.44 1.34
CA SER B 59 2.99 6.82 1.99
C SER B 59 3.10 6.92 3.49
N LEU B 60 2.07 6.40 4.14
CA LEU B 60 1.94 6.32 5.58
C LEU B 60 1.52 4.85 5.78
N ILE B 61 2.24 4.16 6.65
CA ILE B 61 1.95 2.76 6.88
C ILE B 61 1.96 2.43 8.35
N TYR B 62 0.93 1.72 8.80
CA TYR B 62 0.86 1.32 10.20
C TYR B 62 0.55 -0.16 10.30
N SER B 63 0.97 -0.77 11.40
CA SER B 63 0.74 -2.18 11.57
C SER B 63 0.74 -2.58 13.02
N PHE B 64 0.08 -3.71 13.28
CA PHE B 64 -0.02 -4.28 14.61
C PHE B 64 -0.46 -5.75 14.56
N SER B 65 -0.41 -6.40 15.70
CA SER B 65 -0.81 -7.79 15.83
C SER B 65 -2.31 -7.95 15.64
N SER B 66 -2.76 -9.21 15.54
CA SER B 66 -4.17 -9.52 15.39
C SER B 66 -4.85 -9.08 16.67
N GLU B 67 -4.16 -9.34 17.80
CA GLU B 67 -4.65 -8.98 19.14
C GLU B 67 -4.90 -7.48 19.28
N THR B 68 -3.88 -6.68 18.97
CA THR B 68 -3.99 -5.24 19.07
C THR B 68 -5.15 -4.72 18.21
N ALA B 69 -5.30 -5.27 17.02
CA ALA B 69 -6.35 -4.86 16.10
C ALA B 69 -7.74 -5.04 16.70
N LEU B 70 -7.97 -6.21 17.32
CA LEU B 70 -9.25 -6.49 17.93
C LEU B 70 -9.59 -5.45 18.99
N LYS B 71 -8.58 -5.04 19.75
CA LYS B 71 -8.78 -4.01 20.76
C LYS B 71 -9.19 -2.73 20.05
N VAL B 72 -8.38 -2.33 19.08
CA VAL B 72 -8.60 -1.13 18.26
C VAL B 72 -10.05 -1.05 17.75
N VAL B 73 -10.49 -2.12 17.09
CA VAL B 73 -11.84 -2.22 16.52
C VAL B 73 -12.90 -2.17 17.62
N SER B 74 -12.63 -2.86 18.73
CA SER B 74 -13.56 -2.89 19.86
C SER B 74 -13.65 -1.50 20.49
N ALA B 75 -12.52 -0.79 20.53
CA ALA B 75 -12.47 0.55 21.09
C ALA B 75 -13.21 1.51 20.15
N MET B 76 -13.01 1.34 18.85
CA MET B 76 -13.67 2.17 17.84
C MET B 76 -15.18 1.97 17.86
N MET B 77 -15.65 0.91 18.51
CA MET B 77 -17.08 0.64 18.59
C MET B 77 -17.66 0.77 20.01
N GLY B 78 -17.15 1.74 20.75
CA GLY B 78 -17.63 1.99 22.11
C GLY B 78 -17.14 1.02 23.17
N GLY B 79 -16.36 0.02 22.77
CA GLY B 79 -15.85 -0.95 23.72
C GLY B 79 -16.55 -2.29 23.64
N MET B 80 -17.40 -2.46 22.63
CA MET B 80 -18.12 -3.72 22.45
C MET B 80 -17.24 -4.83 21.91
N GLU B 81 -17.47 -6.03 22.44
CA GLU B 81 -16.72 -7.22 22.09
C GLU B 81 -16.66 -7.53 20.60
N TYR B 82 -15.43 -7.83 20.14
CA TYR B 82 -15.16 -8.14 18.75
C TYR B 82 -14.05 -9.19 18.74
N ASN B 83 -14.37 -10.40 18.27
CA ASN B 83 -13.42 -11.51 18.24
C ASN B 83 -12.95 -12.06 16.89
N GLN B 84 -13.49 -11.56 15.79
CA GLN B 84 -13.09 -12.03 14.46
C GLN B 84 -12.86 -10.81 13.58
N LEU B 85 -11.69 -10.73 12.93
CA LEU B 85 -11.40 -9.61 12.04
C LEU B 85 -12.07 -9.85 10.70
N ASP B 86 -13.37 -9.66 10.66
CA ASP B 86 -14.11 -9.85 9.43
C ASP B 86 -14.09 -8.56 8.61
N GLU B 87 -14.88 -8.51 7.55
CA GLU B 87 -14.96 -7.34 6.67
C GLU B 87 -15.15 -6.05 7.45
N LEU B 88 -16.14 -6.05 8.35
CA LEU B 88 -16.44 -4.88 9.15
C LEU B 88 -15.26 -4.46 10.01
N ALA B 89 -14.54 -5.43 10.56
CA ALA B 89 -13.39 -5.15 11.41
C ALA B 89 -12.28 -4.51 10.59
N LEU B 90 -11.93 -5.15 9.47
CA LEU B 90 -10.86 -4.65 8.62
C LEU B 90 -11.12 -3.25 8.06
N SER B 91 -12.40 -2.88 7.95
CA SER B 91 -12.75 -1.57 7.45
C SER B 91 -12.47 -0.52 8.54
N ALA B 92 -12.72 -0.88 9.80
CA ALA B 92 -12.47 0.01 10.94
C ALA B 92 -10.96 0.32 10.99
N ILE B 93 -10.15 -0.73 10.86
CA ILE B 93 -8.70 -0.60 10.86
C ILE B 93 -8.28 0.38 9.75
N GLY B 94 -8.77 0.16 8.53
CA GLY B 94 -8.44 1.06 7.43
C GLY B 94 -8.85 2.50 7.71
N GLU B 95 -10.03 2.68 8.29
CA GLU B 95 -10.54 4.00 8.61
C GLU B 95 -9.65 4.75 9.60
N LEU B 96 -9.04 4.01 10.54
CA LEU B 96 -8.17 4.63 11.54
C LEU B 96 -7.02 5.29 10.81
N GLY B 97 -6.49 4.58 9.82
CA GLY B 97 -5.39 5.09 9.01
C GLY B 97 -5.85 6.27 8.18
N ASN B 98 -7.05 6.17 7.62
CA ASN B 98 -7.59 7.26 6.82
C ASN B 98 -7.69 8.55 7.63
N MET B 99 -8.21 8.44 8.86
CA MET B 99 -8.34 9.58 9.76
C MET B 99 -6.96 10.20 10.03
N THR B 100 -6.01 9.38 10.50
CA THR B 100 -4.65 9.85 10.77
C THR B 100 -4.05 10.56 9.55
N ALA B 101 -4.18 9.93 8.38
CA ALA B 101 -3.68 10.49 7.14
C ALA B 101 -4.48 11.77 6.80
N GLY B 102 -5.75 11.77 7.15
CA GLY B 102 -6.62 12.90 6.91
C GLY B 102 -6.19 14.10 7.74
N LYS B 103 -5.85 13.85 9.02
CA LYS B 103 -5.38 14.92 9.90
C LYS B 103 -4.02 15.43 9.44
N LEU B 104 -3.13 14.50 9.07
CA LEU B 104 -1.79 14.87 8.60
C LEU B 104 -1.87 15.82 7.42
N ALA B 105 -2.67 15.47 6.42
CA ALA B 105 -2.84 16.30 5.22
C ALA B 105 -3.32 17.68 5.63
N MET B 106 -4.31 17.68 6.53
CA MET B 106 -4.92 18.89 7.05
C MET B 106 -3.87 19.81 7.67
N LYS B 107 -3.09 19.26 8.59
CA LYS B 107 -2.05 20.03 9.24
C LYS B 107 -1.01 20.48 8.23
N LEU B 108 -0.61 19.57 7.34
CA LEU B 108 0.40 19.86 6.31
C LEU B 108 0.04 21.00 5.36
N GLU B 109 -1.22 21.11 4.97
CA GLU B 109 -1.63 22.15 4.04
C GLU B 109 -1.69 23.56 4.63
N HIS B 110 -0.91 23.77 5.70
CA HIS B 110 -0.79 25.05 6.39
C HIS B 110 0.66 25.48 6.34
N LEU B 111 1.55 24.48 6.28
CA LEU B 111 2.99 24.69 6.20
C LEU B 111 3.40 24.85 4.74
N GLY B 112 2.41 24.90 3.86
CA GLY B 112 2.67 25.04 2.45
C GLY B 112 2.55 23.74 1.66
N LYS B 113 2.65 22.60 2.33
CA LYS B 113 2.56 21.31 1.67
C LYS B 113 1.12 20.83 1.44
N HIS B 114 0.69 20.76 0.19
CA HIS B 114 -0.65 20.29 -0.12
C HIS B 114 -0.56 18.84 -0.60
N VAL B 115 -1.26 17.93 0.05
CA VAL B 115 -1.19 16.52 -0.36
C VAL B 115 -2.53 15.84 -0.56
N ASP B 116 -2.53 14.80 -1.39
CA ASP B 116 -3.75 14.04 -1.62
C ASP B 116 -3.54 12.68 -0.95
N ILE B 117 -4.61 12.18 -0.34
CA ILE B 117 -4.54 10.89 0.35
C ILE B 117 -5.33 9.78 -0.35
N THR B 118 -4.63 8.71 -0.72
CA THR B 118 -5.24 7.57 -1.38
C THR B 118 -6.03 6.78 -0.33
N PRO B 119 -7.12 6.12 -0.71
CA PRO B 119 -7.87 5.35 0.27
C PRO B 119 -7.00 4.21 0.81
N PRO B 120 -7.18 3.81 2.07
CA PRO B 120 -6.37 2.73 2.61
C PRO B 120 -6.57 1.34 2.00
N THR B 121 -5.51 0.54 2.07
CA THR B 121 -5.58 -0.83 1.61
C THR B 121 -4.94 -1.67 2.72
N VAL B 122 -5.75 -2.55 3.30
CA VAL B 122 -5.35 -3.41 4.41
C VAL B 122 -4.85 -4.76 3.98
N VAL B 123 -3.71 -5.18 4.52
CA VAL B 123 -3.15 -6.47 4.17
C VAL B 123 -2.88 -7.33 5.41
N SER B 124 -3.50 -8.49 5.45
CA SER B 124 -3.30 -9.43 6.53
C SER B 124 -2.55 -10.62 5.95
N GLY B 125 -1.56 -11.10 6.70
CA GLY B 125 -0.76 -12.24 6.25
C GLY B 125 0.31 -12.65 7.24
N ARG B 126 1.08 -13.67 6.89
CA ARG B 126 2.11 -14.19 7.78
C ARG B 126 3.49 -13.54 7.84
N ASP B 127 4.43 -14.04 7.04
CA ASP B 127 5.80 -13.54 7.02
C ASP B 127 5.91 -12.27 6.17
N LEU B 128 5.16 -11.24 6.55
CA LEU B 128 5.10 -9.98 5.81
C LEU B 128 6.40 -9.17 5.75
N LYS B 129 6.76 -8.75 4.55
CA LYS B 129 7.93 -7.91 4.32
C LYS B 129 7.35 -6.77 3.47
N ILE B 130 7.89 -5.57 3.58
CA ILE B 130 7.34 -4.48 2.79
C ILE B 130 8.39 -3.56 2.23
N LYS B 131 8.32 -3.34 0.93
CA LYS B 131 9.27 -2.47 0.24
C LYS B 131 8.68 -1.07 0.01
N SER B 132 9.26 -0.10 0.70
CA SER B 132 8.82 1.27 0.59
C SER B 132 9.93 2.09 -0.03
N PHE B 133 9.54 3.07 -0.85
CA PHE B 133 10.53 3.91 -1.50
C PHE B 133 10.71 5.24 -0.77
N GLY B 134 11.87 5.88 -1.00
CA GLY B 134 12.18 7.14 -0.36
C GLY B 134 12.68 7.00 1.06
N VAL B 135 12.92 8.12 1.73
CA VAL B 135 13.40 8.09 3.10
C VAL B 135 12.29 7.58 4.03
N ILE B 136 12.61 6.51 4.74
CA ILE B 136 11.67 5.90 5.65
C ILE B 136 11.87 6.34 7.07
N LEU B 137 10.78 6.83 7.64
CA LEU B 137 10.72 7.32 9.00
C LEU B 137 9.83 6.38 9.82
N LYS B 138 10.32 6.04 11.01
CA LYS B 138 9.58 5.16 11.90
C LYS B 138 9.13 5.91 13.12
N LEU B 139 7.90 5.63 13.54
CA LEU B 139 7.36 6.26 14.72
C LEU B 139 6.73 5.20 15.61
N PRO B 140 7.43 4.76 16.65
CA PRO B 140 6.88 3.74 17.55
C PRO B 140 5.74 4.39 18.33
N ILE B 141 4.61 3.70 18.40
CA ILE B 141 3.43 4.24 19.09
C ILE B 141 2.88 3.24 20.10
N SER B 142 2.45 3.76 21.24
CA SER B 142 1.90 2.94 22.30
C SER B 142 0.45 3.33 22.50
N VAL B 143 -0.47 2.45 22.13
CA VAL B 143 -1.88 2.75 22.30
C VAL B 143 -2.35 2.06 23.56
N PHE B 144 -2.49 0.74 23.50
CA PHE B 144 -2.93 -0.04 24.64
C PHE B 144 -1.75 -0.59 25.42
N SER B 145 -0.78 -1.11 24.69
CA SER B 145 0.41 -1.69 25.30
C SER B 145 1.68 -1.01 24.75
N GLU B 146 2.79 -1.16 25.47
CA GLU B 146 4.05 -0.54 25.04
C GLU B 146 4.44 -0.95 23.62
N GLU B 147 4.66 0.07 22.79
CA GLU B 147 5.06 -0.10 21.39
C GLU B 147 4.31 -1.22 20.66
N ASP B 148 2.98 -1.14 20.68
CA ASP B 148 2.12 -2.12 20.05
C ASP B 148 1.69 -1.65 18.67
N PHE B 149 2.16 -0.47 18.29
CA PHE B 149 1.79 0.18 17.05
C PHE B 149 2.97 0.66 16.22
N ASP B 150 3.10 0.15 15.00
CA ASP B 150 4.17 0.66 14.15
C ASP B 150 3.60 1.62 13.13
N LEU B 151 4.16 2.82 13.07
CA LEU B 151 3.73 3.80 12.07
C LEU B 151 4.99 4.21 11.29
N HIS B 152 4.95 3.99 9.98
CA HIS B 152 6.06 4.34 9.11
C HIS B 152 5.60 5.34 8.08
N LEU B 153 6.45 6.33 7.83
CA LEU B 153 6.16 7.37 6.85
C LEU B 153 7.20 7.30 5.74
N SER B 154 6.77 6.90 4.54
CA SER B 154 7.65 6.83 3.37
C SER B 154 7.69 8.19 2.67
N VAL B 155 8.86 8.78 2.53
CA VAL B 155 8.97 10.07 1.85
C VAL B 155 9.89 10.01 0.64
N LYS B 156 9.30 9.73 -0.52
CA LYS B 156 10.05 9.66 -1.79
C LYS B 156 10.55 11.05 -2.16
N SER B 157 9.69 12.05 -1.97
CA SER B 157 10.02 13.45 -2.25
C SER B 157 9.07 14.38 -1.50
N GLY B 158 9.42 15.65 -1.45
CA GLY B 158 8.58 16.61 -0.76
C GLY B 158 9.13 16.94 0.61
N GLY B 159 10.31 16.41 0.89
CA GLY B 159 10.97 16.66 2.16
C GLY B 159 12.08 17.69 1.97
#